data_6OZI
#
_entry.id   6OZI
#
_cell.length_a   51.079
_cell.length_b   81.428
_cell.length_c   166.034
_cell.angle_alpha   90.000
_cell.angle_beta   90.000
_cell.angle_gamma   90.000
#
_symmetry.space_group_name_H-M   'P 2 21 21'
#
loop_
_entity.id
_entity.type
_entity.pdbx_description
1 polymer 'endonuclease V isoform X2'
2 polymer 'DNA/RNA (23-MER)'
3 non-polymer 'POTASSIUM ION'
4 non-polymer 'TRIETHYLENE GLYCOL'
5 water water
#
loop_
_entity_poly.entity_id
_entity_poly.type
_entity_poly.pdbx_seq_one_letter_code
_entity_poly.pdbx_strand_id
1 'polypeptide(L)'
;DNKITDEQIAEWNSKQEELRDKIIRSDGDFSLSKVKYVGGFDVSYSKINHELAVSCMVVLSYPEMKQVYMNTTKVKLSCP
YKSSYLAFREIEPFQQELQLLKAKKPNLEPQVFLLDGNGFFHIRRCGAASHLGVLSNTRTIGVAKSLIEIPEDGVKKTEV
ISQFKRLRKTGGNELDIISTEKNEVLAKAVLYAPKVEKPIFVSAGHKCSLETAAKIVKGCTKTRIPEPIKMANKWSRKEL
KKIE
;
A,B
2 'polydeoxyribonucleotide/polyribonucleotide hybrid'
;(DC)(DC)(DG)(DC)(DI)A(DT)(DA)(DT)(DG)(DC)(DA)(DG)(DC)(DA)(DT)(DT)(DC)(DC)(DA)
(DC)(DG)(DG)
;
C,D
#
# COMPACT_ATOMS: atom_id res chain seq x y z
N ASP A 1 -7.26 -23.89 11.76
CA ASP A 1 -7.91 -22.71 12.34
C ASP A 1 -9.17 -23.09 13.11
N ASN A 2 -9.38 -24.39 13.32
CA ASN A 2 -10.61 -24.92 13.90
C ASN A 2 -10.75 -24.64 15.40
N LYS A 3 -10.28 -23.48 15.87
CA LYS A 3 -10.38 -23.16 17.30
C LYS A 3 -11.73 -22.55 17.66
N ILE A 4 -12.34 -21.79 16.76
CA ILE A 4 -13.60 -21.10 17.05
C ILE A 4 -14.74 -22.11 16.94
N THR A 5 -15.29 -22.52 18.07
CA THR A 5 -16.46 -23.39 18.17
C THR A 5 -17.51 -22.68 19.01
N ASP A 6 -18.71 -23.25 19.05
CA ASP A 6 -19.73 -22.73 19.95
C ASP A 6 -19.26 -22.77 21.39
N GLU A 7 -18.60 -23.87 21.78
CA GLU A 7 -18.12 -24.01 23.15
C GLU A 7 -17.00 -23.01 23.43
N GLN A 8 -16.12 -22.78 22.45
CA GLN A 8 -15.05 -21.82 22.65
C GLN A 8 -15.60 -20.41 22.80
N ILE A 9 -16.63 -20.06 22.03
CA ILE A 9 -17.29 -18.77 22.19
C ILE A 9 -17.89 -18.65 23.59
N ALA A 10 -18.51 -19.74 24.07
CA ALA A 10 -19.08 -19.71 25.41
C ALA A 10 -18.00 -19.46 26.47
N GLU A 11 -16.88 -20.20 26.36
CA GLU A 11 -15.76 -20.02 27.28
C GLU A 11 -15.21 -18.59 27.24
N TRP A 12 -15.04 -18.05 26.03
CA TRP A 12 -14.54 -16.68 25.88
C TRP A 12 -15.48 -15.68 26.52
N ASN A 13 -16.79 -15.83 26.29
CA ASN A 13 -17.78 -14.98 26.92
C ASN A 13 -17.66 -15.04 28.44
N SER A 14 -17.47 -16.25 28.99
CA SER A 14 -17.36 -16.40 30.43
C SER A 14 -16.14 -15.67 30.98
N LYS A 15 -14.96 -15.90 30.37
CA LYS A 15 -13.75 -15.22 30.81
C LYS A 15 -13.93 -13.71 30.76
N GLN A 16 -14.55 -13.22 29.69
CA GLN A 16 -14.78 -11.78 29.58
C GLN A 16 -15.69 -11.28 30.70
N GLU A 17 -16.74 -12.04 31.02
CA GLU A 17 -17.64 -11.62 32.10
C GLU A 17 -16.91 -11.56 33.44
N GLU A 18 -16.00 -12.50 33.70
CA GLU A 18 -15.30 -12.41 34.98
C GLU A 18 -14.24 -11.32 34.99
N LEU A 19 -13.65 -10.98 33.84
CA LEU A 19 -12.62 -9.94 33.81
C LEU A 19 -13.18 -8.52 33.83
N ARG A 20 -14.39 -8.31 33.29
CA ARG A 20 -14.83 -6.94 33.00
C ARG A 20 -14.81 -6.03 34.22
N ASP A 21 -15.08 -6.56 35.42
CA ASP A 21 -15.11 -5.68 36.59
C ASP A 21 -13.73 -5.32 37.09
N LYS A 22 -12.67 -5.93 36.55
CA LYS A 22 -11.31 -5.59 36.92
C LYS A 22 -10.76 -4.44 36.10
N ILE A 23 -11.43 -4.04 35.02
CA ILE A 23 -10.94 -2.96 34.19
C ILE A 23 -11.15 -1.64 34.92
N ILE A 24 -10.09 -0.85 35.03
CA ILE A 24 -10.12 0.43 35.75
C ILE A 24 -10.09 1.55 34.72
N ARG A 25 -11.11 2.40 34.75
CA ARG A 25 -11.26 3.49 33.80
C ARG A 25 -11.07 4.85 34.46
N SER A 26 -10.17 4.90 35.43
CA SER A 26 -9.79 6.15 36.08
CA SER A 26 -9.79 6.14 36.10
C SER A 26 -8.27 6.23 36.14
N ASP A 27 -7.78 7.44 36.43
CA ASP A 27 -6.35 7.69 36.38
C ASP A 27 -5.61 7.24 37.65
N GLY A 28 -6.28 7.24 38.80
CA GLY A 28 -5.57 6.99 40.04
C GLY A 28 -4.53 8.08 40.25
N ASP A 29 -3.30 7.69 40.62
CA ASP A 29 -2.22 8.65 40.75
C ASP A 29 -1.46 8.85 39.43
N PHE A 30 -1.99 8.36 38.31
CA PHE A 30 -1.40 8.57 37.01
C PHE A 30 -1.90 9.88 36.40
N SER A 31 -1.03 10.52 35.63
CA SER A 31 -1.38 11.75 34.92
C SER A 31 -0.55 11.86 33.65
N LEU A 32 -0.96 12.79 32.78
CA LEU A 32 -0.25 13.00 31.53
C LEU A 32 1.20 13.40 31.77
N SER A 33 1.47 14.12 32.86
CA SER A 33 2.82 14.58 33.14
CA SER A 33 2.82 14.58 33.15
C SER A 33 3.78 13.43 33.40
N LYS A 34 3.27 12.25 33.77
CA LYS A 34 4.11 11.10 34.04
C LYS A 34 4.48 10.32 32.78
N VAL A 35 3.90 10.63 31.63
CA VAL A 35 4.18 9.88 30.41
C VAL A 35 5.53 10.33 29.85
N LYS A 36 6.53 9.45 29.92
CA LYS A 36 7.81 9.66 29.27
C LYS A 36 8.00 8.78 28.05
N TYR A 37 7.34 7.61 28.02
CA TYR A 37 7.37 6.72 26.87
C TYR A 37 5.98 6.16 26.64
N VAL A 38 5.64 5.93 25.38
CA VAL A 38 4.40 5.28 24.98
CA VAL A 38 4.40 5.27 24.99
C VAL A 38 4.75 4.04 24.18
N GLY A 39 4.07 2.94 24.45
CA GLY A 39 4.30 1.69 23.77
C GLY A 39 3.28 1.43 22.67
N GLY A 40 3.70 0.63 21.69
CA GLY A 40 2.80 0.11 20.70
C GLY A 40 3.00 -1.39 20.56
N PHE A 41 1.98 -2.05 20.03
CA PHE A 41 2.05 -3.49 19.80
C PHE A 41 1.08 -3.84 18.69
N ASP A 42 1.50 -4.75 17.81
CA ASP A 42 0.63 -5.17 16.74
C ASP A 42 1.04 -6.55 16.26
N VAL A 43 0.18 -7.15 15.44
CA VAL A 43 0.41 -8.47 14.84
C VAL A 43 0.09 -8.40 13.36
N SER A 44 1.02 -8.89 12.55
CA SER A 44 0.84 -9.12 11.13
C SER A 44 0.70 -10.62 10.90
N TYR A 45 -0.08 -11.00 9.90
CA TYR A 45 -0.29 -12.43 9.66
C TYR A 45 -0.31 -12.72 8.17
N SER A 46 0.06 -13.95 7.81
CA SER A 46 0.10 -14.40 6.43
C SER A 46 -1.20 -15.08 6.06
N LYS A 47 -1.73 -14.74 4.89
CA LYS A 47 -2.87 -15.46 4.33
C LYS A 47 -2.45 -16.67 3.50
N ILE A 48 -1.20 -16.69 3.02
CA ILE A 48 -0.66 -17.86 2.32
C ILE A 48 -0.43 -19.01 3.29
N ASN A 49 0.39 -18.77 4.32
CA ASN A 49 0.66 -19.74 5.39
C ASN A 49 -0.07 -19.25 6.64
N HIS A 50 -1.23 -19.85 6.92
CA HIS A 50 -2.10 -19.35 7.97
C HIS A 50 -1.43 -19.34 9.34
N GLU A 51 -0.53 -20.29 9.60
CA GLU A 51 0.12 -20.35 10.91
C GLU A 51 1.09 -19.19 11.11
N LEU A 52 1.70 -18.70 10.03
CA LEU A 52 2.81 -17.77 10.12
C LEU A 52 2.33 -16.37 10.50
N ALA A 53 2.87 -15.81 11.57
CA ALA A 53 2.55 -14.45 11.96
C ALA A 53 3.78 -13.81 12.57
N VAL A 54 3.72 -12.49 12.76
CA VAL A 54 4.81 -11.73 13.36
C VAL A 54 4.19 -10.70 14.31
N SER A 55 4.60 -10.72 15.57
CA SER A 55 4.22 -9.67 16.51
C SER A 55 5.31 -8.61 16.53
N CYS A 56 4.93 -7.41 16.99
CA CYS A 56 5.88 -6.31 17.13
C CYS A 56 5.49 -5.46 18.32
N MET A 57 6.50 -5.08 19.11
CA MET A 57 6.31 -4.12 20.18
C MET A 57 7.31 -3.00 19.99
N VAL A 58 6.85 -1.76 20.14
CA VAL A 58 7.68 -0.57 19.97
C VAL A 58 7.53 0.28 21.22
N VAL A 59 8.55 1.11 21.46
CA VAL A 59 8.49 2.15 22.48
C VAL A 59 8.98 3.45 21.85
N LEU A 60 8.16 4.50 21.95
CA LEU A 60 8.48 5.83 21.47
C LEU A 60 8.53 6.79 22.65
N SER A 61 9.44 7.76 22.58
CA SER A 61 9.49 8.76 23.62
C SER A 61 8.26 9.66 23.56
N TYR A 62 7.92 10.24 24.70
CA TYR A 62 6.80 11.17 24.79
C TYR A 62 7.30 12.47 25.42
N PRO A 63 6.97 13.61 24.81
CA PRO A 63 6.09 13.77 23.63
C PRO A 63 6.79 13.81 22.28
N GLU A 64 8.09 13.52 22.22
CA GLU A 64 8.84 13.70 20.98
C GLU A 64 8.44 12.68 19.90
N MET A 65 7.84 11.55 20.28
CA MET A 65 7.40 10.51 19.33
C MET A 65 8.58 9.93 18.54
N LYS A 66 9.72 9.79 19.20
CA LYS A 66 10.90 9.18 18.60
C LYS A 66 11.00 7.74 19.04
N GLN A 67 11.13 6.83 18.08
CA GLN A 67 11.21 5.41 18.38
C GLN A 67 12.52 5.12 19.11
N VAL A 68 12.41 4.53 20.29
CA VAL A 68 13.59 4.13 21.06
C VAL A 68 13.67 2.63 21.26
N TYR A 69 12.61 1.87 20.96
CA TYR A 69 12.68 0.43 21.08
C TYR A 69 11.79 -0.20 20.01
N MET A 70 12.26 -1.31 19.44
CA MET A 70 11.47 -2.09 18.51
C MET A 70 11.90 -3.54 18.58
N ASN A 71 10.91 -4.45 18.52
CA ASN A 71 11.22 -5.87 18.39
C ASN A 71 10.07 -6.55 17.67
N THR A 72 10.41 -7.51 16.80
CA THR A 72 9.43 -8.35 16.12
C THR A 72 9.71 -9.81 16.46
N THR A 73 8.66 -10.63 16.48
CA THR A 73 8.80 -12.03 16.84
C THR A 73 7.94 -12.88 15.90
N LYS A 74 8.55 -13.89 15.28
CA LYS A 74 7.78 -14.86 14.54
C LYS A 74 6.95 -15.69 15.52
N VAL A 75 5.65 -15.71 15.33
CA VAL A 75 4.71 -16.33 16.25
C VAL A 75 3.70 -17.15 15.47
N LYS A 76 3.13 -18.14 16.15
CA LYS A 76 2.00 -18.91 15.64
C LYS A 76 0.76 -18.46 16.39
N LEU A 77 -0.22 -17.93 15.66
CA LEU A 77 -1.43 -17.41 16.28
C LEU A 77 -2.34 -18.56 16.68
N SER A 78 -3.02 -18.41 17.81
CA SER A 78 -3.84 -19.49 18.36
C SER A 78 -5.27 -19.51 17.83
N CYS A 79 -5.80 -18.38 17.37
CA CYS A 79 -7.15 -18.39 16.84
C CYS A 79 -7.28 -17.28 15.80
N PRO A 80 -8.21 -17.41 14.87
CA PRO A 80 -8.40 -16.36 13.85
C PRO A 80 -9.02 -15.12 14.46
N TYR A 81 -9.07 -14.06 13.66
CA TYR A 81 -9.77 -12.86 14.07
C TYR A 81 -11.28 -13.12 14.07
N LYS A 82 -11.91 -12.78 15.18
CA LYS A 82 -13.36 -12.79 15.32
C LYS A 82 -13.71 -11.56 16.14
N SER A 83 -14.57 -10.69 15.61
CA SER A 83 -14.89 -9.46 16.31
C SER A 83 -15.51 -9.79 17.68
N SER A 84 -15.14 -8.99 18.68
CA SER A 84 -15.43 -9.13 20.10
C SER A 84 -14.51 -10.14 20.78
N TYR A 85 -13.59 -10.80 20.06
CA TYR A 85 -12.70 -11.81 20.63
C TYR A 85 -11.24 -11.62 20.20
N LEU A 86 -10.86 -10.38 19.85
CA LEU A 86 -9.50 -10.09 19.42
C LEU A 86 -8.48 -10.44 20.50
N ALA A 87 -8.88 -10.28 21.77
CA ALA A 87 -7.95 -10.46 22.88
C ALA A 87 -7.38 -11.87 22.88
N PHE A 88 -8.22 -12.87 22.68
CA PHE A 88 -7.72 -14.25 22.72
C PHE A 88 -6.78 -14.53 21.56
N ARG A 89 -6.84 -13.70 20.51
CA ARG A 89 -5.93 -13.79 19.38
C ARG A 89 -4.57 -13.17 19.67
N GLU A 90 -4.50 -12.13 20.51
CA GLU A 90 -3.20 -11.48 20.67
C GLU A 90 -2.67 -11.39 22.11
N ILE A 91 -3.31 -12.06 23.07
CA ILE A 91 -2.86 -11.95 24.46
C ILE A 91 -1.47 -12.57 24.64
N GLU A 92 -1.25 -13.77 24.09
CA GLU A 92 0.04 -14.43 24.27
C GLU A 92 1.17 -13.69 23.56
N PRO A 93 1.05 -13.30 22.28
CA PRO A 93 2.13 -12.51 21.67
C PRO A 93 2.44 -11.24 22.43
N PHE A 94 1.40 -10.55 22.92
CA PHE A 94 1.60 -9.34 23.71
C PHE A 94 2.41 -9.63 24.98
N GLN A 95 1.97 -10.60 25.77
CA GLN A 95 2.67 -10.94 27.01
C GLN A 95 4.12 -11.30 26.74
N GLN A 96 4.37 -12.06 25.66
CA GLN A 96 5.74 -12.42 25.32
C GLN A 96 6.56 -11.17 24.95
N GLU A 97 6.03 -10.32 24.06
CA GLU A 97 6.76 -9.10 23.71
C GLU A 97 7.04 -8.27 24.96
N LEU A 98 6.04 -8.12 25.83
CA LEU A 98 6.18 -7.31 27.03
C LEU A 98 7.28 -7.87 27.93
N GLN A 99 7.26 -9.19 28.15
CA GLN A 99 8.30 -9.81 28.97
C GLN A 99 9.68 -9.60 28.37
N LEU A 100 9.79 -9.70 27.04
CA LEU A 100 11.06 -9.42 26.38
C LEU A 100 11.50 -7.97 26.60
N LEU A 101 10.58 -7.02 26.45
CA LEU A 101 10.91 -5.61 26.69
C LEU A 101 11.39 -5.40 28.12
N LYS A 102 10.67 -5.98 29.09
CA LYS A 102 11.07 -5.80 30.49
C LYS A 102 12.44 -6.41 30.77
N ALA A 103 12.78 -7.52 30.09
CA ALA A 103 14.09 -8.11 30.34
C ALA A 103 15.21 -7.35 29.63
N LYS A 104 14.92 -6.82 28.43
CA LYS A 104 15.94 -6.15 27.62
CA LYS A 104 15.95 -6.16 27.64
C LYS A 104 16.15 -4.71 28.06
N LYS A 105 15.06 -3.93 28.09
CA LYS A 105 15.13 -2.50 28.39
C LYS A 105 14.08 -2.18 29.45
N PRO A 106 14.27 -2.64 30.68
CA PRO A 106 13.26 -2.39 31.71
C PRO A 106 13.03 -0.92 31.98
N ASN A 107 14.08 -0.10 31.82
CA ASN A 107 13.97 1.34 32.03
C ASN A 107 13.33 2.07 30.87
N LEU A 108 13.02 1.38 29.77
CA LEU A 108 12.26 1.94 28.67
C LEU A 108 10.81 1.50 28.67
N GLU A 109 10.39 0.78 29.70
CA GLU A 109 9.00 0.33 29.77
C GLU A 109 8.10 1.56 29.79
N PRO A 110 7.11 1.64 28.90
CA PRO A 110 6.30 2.84 28.82
C PRO A 110 5.24 2.88 29.91
N GLN A 111 4.79 4.10 30.21
CA GLN A 111 3.73 4.25 31.20
C GLN A 111 2.37 3.85 30.64
N VAL A 112 2.24 3.73 29.32
CA VAL A 112 0.97 3.40 28.69
C VAL A 112 1.23 2.82 27.31
N PHE A 113 0.42 1.85 26.91
CA PHE A 113 0.41 1.29 25.57
C PHE A 113 -0.83 1.73 24.78
N LEU A 114 -0.63 2.07 23.52
CA LEU A 114 -1.73 2.17 22.56
C LEU A 114 -1.90 0.82 21.87
N LEU A 115 -3.12 0.29 21.91
CA LEU A 115 -3.43 -1.00 21.31
C LEU A 115 -4.51 -0.82 20.25
N ASP A 116 -4.37 -1.57 19.16
CA ASP A 116 -5.33 -1.48 18.06
C ASP A 116 -6.67 -2.07 18.47
N GLY A 117 -7.74 -1.31 18.26
CA GLY A 117 -9.05 -1.77 18.62
C GLY A 117 -9.58 -1.07 19.86
N ASN A 118 -10.57 -1.69 20.47
CA ASN A 118 -11.35 -1.07 21.53
C ASN A 118 -10.90 -1.56 22.90
N GLY A 119 -11.20 -0.75 23.91
CA GLY A 119 -11.07 -1.16 25.29
C GLY A 119 -12.44 -1.37 25.92
N PHE A 120 -12.91 -0.36 26.65
CA PHE A 120 -14.25 -0.42 27.24
C PHE A 120 -15.34 -0.52 26.18
N PHE A 121 -15.07 -0.02 24.97
CA PHE A 121 -16.04 0.05 23.88
C PHE A 121 -16.25 -1.34 23.28
N HIS A 122 -17.06 -2.14 23.97
CA HIS A 122 -17.15 -3.56 23.69
C HIS A 122 -18.46 -4.09 24.24
N ILE A 123 -19.01 -5.12 23.58
CA ILE A 123 -20.33 -5.64 23.95
C ILE A 123 -20.37 -6.05 25.43
N ARG A 124 -19.30 -6.68 25.92
CA ARG A 124 -19.21 -7.05 27.33
C ARG A 124 -18.20 -6.17 28.07
N ARG A 125 -17.90 -4.99 27.54
CA ARG A 125 -17.05 -3.99 28.21
C ARG A 125 -15.66 -4.55 28.52
N CYS A 126 -15.12 -5.35 27.62
CA CYS A 126 -13.85 -6.03 27.82
CA CYS A 126 -13.84 -6.00 27.82
C CYS A 126 -13.17 -6.26 26.47
N GLY A 127 -12.92 -5.17 25.73
CA GLY A 127 -12.20 -5.29 24.48
C GLY A 127 -10.74 -5.62 24.71
N ALA A 128 -10.03 -5.91 23.61
CA ALA A 128 -8.67 -6.44 23.70
C ALA A 128 -7.73 -5.48 24.44
N ALA A 129 -7.90 -4.17 24.23
CA ALA A 129 -7.01 -3.22 24.90
C ALA A 129 -7.15 -3.33 26.42
N SER A 130 -8.39 -3.39 26.89
CA SER A 130 -8.64 -3.56 28.32
C SER A 130 -8.17 -4.93 28.80
N HIS A 131 -8.52 -5.99 28.06
CA HIS A 131 -8.16 -7.36 28.41
C HIS A 131 -6.65 -7.50 28.62
N LEU A 132 -5.88 -7.10 27.61
CA LEU A 132 -4.42 -7.19 27.70
C LEU A 132 -3.90 -6.31 28.84
N GLY A 133 -4.50 -5.12 29.02
CA GLY A 133 -4.08 -4.27 30.13
C GLY A 133 -4.23 -4.96 31.48
N VAL A 134 -5.38 -5.59 31.72
CA VAL A 134 -5.63 -6.18 33.03
C VAL A 134 -4.77 -7.43 33.22
N LEU A 135 -4.69 -8.27 32.19
CA LEU A 135 -3.93 -9.51 32.33
C LEU A 135 -2.44 -9.26 32.48
N SER A 136 -1.94 -8.09 32.05
CA SER A 136 -0.53 -7.77 32.20
CA SER A 136 -0.53 -7.76 32.18
C SER A 136 -0.26 -6.71 33.25
N ASN A 137 -1.29 -6.20 33.93
CA ASN A 137 -1.15 -5.10 34.88
C ASN A 137 -0.45 -3.91 34.23
N THR A 138 -0.89 -3.55 33.04
CA THR A 138 -0.31 -2.47 32.26
CA THR A 138 -0.31 -2.43 32.31
C THR A 138 -1.39 -1.47 31.86
N ARG A 139 -1.03 -0.19 31.81
CA ARG A 139 -1.94 0.86 31.38
C ARG A 139 -2.06 0.84 29.87
N THR A 140 -3.31 0.80 29.38
CA THR A 140 -3.58 0.68 27.95
C THR A 140 -4.70 1.60 27.51
N ILE A 141 -4.62 2.01 26.24
CA ILE A 141 -5.62 2.81 25.56
C ILE A 141 -6.04 2.06 24.30
N GLY A 142 -7.35 2.04 24.02
CA GLY A 142 -7.86 1.43 22.82
C GLY A 142 -8.03 2.47 21.72
N VAL A 143 -7.45 2.19 20.56
CA VAL A 143 -7.55 3.07 19.39
C VAL A 143 -8.02 2.21 18.22
N ALA A 144 -9.24 2.46 17.75
CA ALA A 144 -9.82 1.71 16.65
C ALA A 144 -9.93 2.60 15.42
N LYS A 145 -9.62 2.04 14.25
CA LYS A 145 -9.68 2.79 13.00
C LYS A 145 -11.04 2.69 12.33
N SER A 146 -11.86 1.72 12.72
CA SER A 146 -13.22 1.60 12.24
C SER A 146 -14.13 1.38 13.46
N LEU A 147 -15.41 1.66 13.26
CA LEU A 147 -16.36 1.65 14.36
C LEU A 147 -16.97 0.27 14.49
N ILE A 148 -16.96 -0.27 15.70
CA ILE A 148 -17.70 -1.50 15.95
C ILE A 148 -19.16 -1.14 16.20
N GLU A 149 -20.06 -1.91 15.60
CA GLU A 149 -21.50 -1.77 15.82
C GLU A 149 -21.92 -2.65 16.98
N ILE A 150 -22.68 -2.09 17.91
CA ILE A 150 -23.20 -2.88 19.02
C ILE A 150 -24.71 -2.67 19.12
N PRO A 151 -25.53 -3.50 18.45
CA PRO A 151 -26.99 -3.33 18.54
C PRO A 151 -27.50 -3.38 19.97
N GLU A 152 -26.92 -4.23 20.82
CA GLU A 152 -27.41 -4.36 22.19
C GLU A 152 -27.21 -3.07 23.00
N ASP A 153 -26.35 -2.17 22.54
CA ASP A 153 -26.13 -0.88 23.21
C ASP A 153 -26.67 0.29 22.39
N GLY A 154 -27.35 0.02 21.28
CA GLY A 154 -27.88 1.10 20.47
C GLY A 154 -26.81 1.88 19.73
N VAL A 155 -25.67 1.23 19.43
CA VAL A 155 -24.56 1.88 18.74
C VAL A 155 -24.58 1.42 17.28
N LYS A 156 -24.93 2.34 16.37
CA LYS A 156 -25.07 2.07 14.96
C LYS A 156 -24.15 2.97 14.17
N LYS A 157 -23.47 2.39 13.18
CA LYS A 157 -22.40 3.07 12.47
C LYS A 157 -22.92 4.30 11.71
N THR A 158 -23.99 4.12 10.91
CA THR A 158 -24.51 5.26 10.15
C THR A 158 -24.92 6.41 11.05
N GLU A 159 -25.54 6.11 12.20
CA GLU A 159 -25.99 7.16 13.10
C GLU A 159 -24.81 7.90 13.76
N VAL A 160 -23.79 7.15 14.18
CA VAL A 160 -22.62 7.78 14.79
C VAL A 160 -21.91 8.66 13.79
N ILE A 161 -21.72 8.15 12.56
CA ILE A 161 -21.03 8.93 11.54
C ILE A 161 -21.82 10.19 11.19
N SER A 162 -23.14 10.09 11.05
CA SER A 162 -23.91 11.28 10.70
C SER A 162 -23.88 12.30 11.85
N GLN A 163 -23.97 11.82 13.10
CA GLN A 163 -23.83 12.72 14.24
C GLN A 163 -22.47 13.41 14.24
N PHE A 164 -21.41 12.66 13.88
CA PHE A 164 -20.08 13.26 13.86
C PHE A 164 -19.94 14.29 12.74
N LYS A 165 -20.55 14.05 11.58
CA LYS A 165 -20.49 15.04 10.51
C LYS A 165 -21.26 16.30 10.89
N ARG A 166 -22.43 16.14 11.51
CA ARG A 166 -23.17 17.29 12.03
C ARG A 166 -22.32 18.05 13.04
N LEU A 167 -21.55 17.31 13.85
CA LEU A 167 -20.63 17.96 14.78
C LEU A 167 -19.57 18.75 14.04
N ARG A 168 -18.98 18.16 12.99
CA ARG A 168 -17.93 18.84 12.24
C ARG A 168 -18.44 20.16 11.67
N LYS A 169 -19.71 20.20 11.24
CA LYS A 169 -20.24 21.44 10.68
C LYS A 169 -20.15 22.60 11.67
N THR A 170 -20.08 22.32 12.98
CA THR A 170 -19.98 23.34 14.01
C THR A 170 -18.54 23.60 14.46
N GLY A 171 -17.57 22.87 13.91
CA GLY A 171 -16.19 23.06 14.26
C GLY A 171 -15.65 22.12 15.32
N GLY A 172 -16.46 21.18 15.81
CA GLY A 172 -15.98 20.25 16.80
C GLY A 172 -15.07 19.20 16.21
N ASN A 173 -14.35 18.51 17.10
CA ASN A 173 -13.47 17.44 16.66
C ASN A 173 -13.54 16.20 17.55
N GLU A 174 -14.42 16.19 18.56
CA GLU A 174 -14.56 15.07 19.48
C GLU A 174 -16.05 14.82 19.73
N LEU A 175 -16.47 13.56 19.66
CA LEU A 175 -17.87 13.19 19.82
C LEU A 175 -17.96 11.99 20.75
N ASP A 176 -18.73 12.11 21.82
CA ASP A 176 -18.93 10.97 22.70
C ASP A 176 -19.79 9.92 22.01
N ILE A 177 -19.36 8.66 22.09
CA ILE A 177 -20.14 7.53 21.62
C ILE A 177 -20.81 6.91 22.83
N ILE A 178 -22.14 6.76 22.77
CA ILE A 178 -22.93 6.49 23.97
C ILE A 178 -23.76 5.23 23.77
N SER A 179 -23.84 4.44 24.83
CA SER A 179 -24.78 3.32 24.92
C SER A 179 -26.11 3.83 25.47
N THR A 180 -27.17 3.69 24.69
CA THR A 180 -28.50 4.06 25.16
C THR A 180 -29.10 3.02 26.09
N GLU A 181 -28.54 1.81 26.11
CA GLU A 181 -29.06 0.78 27.00
C GLU A 181 -28.50 0.94 28.40
N LYS A 182 -27.24 1.38 28.51
CA LYS A 182 -26.62 1.61 29.80
C LYS A 182 -26.45 3.09 30.15
N ASN A 183 -26.77 4.00 29.24
CA ASN A 183 -26.71 5.44 29.50
C ASN A 183 -25.30 5.84 29.96
N GLU A 184 -24.29 5.45 29.18
CA GLU A 184 -22.91 5.73 29.52
C GLU A 184 -22.11 5.96 28.25
N VAL A 185 -21.01 6.69 28.39
CA VAL A 185 -20.09 6.91 27.28
C VAL A 185 -19.17 5.69 27.16
N LEU A 186 -19.08 5.16 25.95
CA LEU A 186 -18.23 4.01 25.65
C LEU A 186 -16.89 4.41 25.08
N ALA A 187 -16.84 5.49 24.30
CA ALA A 187 -15.65 5.87 23.56
C ALA A 187 -15.80 7.31 23.10
N LYS A 188 -14.77 7.79 22.41
CA LYS A 188 -14.73 9.15 21.88
C LYS A 188 -14.26 9.05 20.43
N ALA A 189 -15.09 9.53 19.52
CA ALA A 189 -14.70 9.70 18.12
C ALA A 189 -13.91 10.99 17.99
N VAL A 190 -12.65 10.89 17.55
CA VAL A 190 -11.76 12.03 17.58
C VAL A 190 -11.13 12.24 16.20
N LEU A 191 -10.73 13.48 15.96
CA LEU A 191 -10.07 13.89 14.74
C LEU A 191 -9.01 14.92 15.13
N TYR A 192 -7.76 14.47 15.24
CA TYR A 192 -6.68 15.35 15.70
C TYR A 192 -5.70 15.72 14.61
N ALA A 193 -5.51 14.86 13.63
CA ALA A 193 -4.52 15.10 12.59
C ALA A 193 -5.05 16.10 11.56
N PRO A 194 -4.18 16.92 10.98
CA PRO A 194 -4.62 17.80 9.90
C PRO A 194 -4.90 17.00 8.64
N LYS A 195 -5.67 17.61 7.74
CA LYS A 195 -5.98 17.04 6.42
C LYS A 195 -6.68 15.69 6.55
N VAL A 196 -7.37 15.46 7.66
CA VAL A 196 -8.09 14.22 7.93
C VAL A 196 -9.55 14.53 8.20
N GLU A 197 -10.45 13.75 7.61
CA GLU A 197 -11.87 13.85 7.94
C GLU A 197 -12.44 12.61 8.59
N LYS A 198 -11.74 11.47 8.52
CA LYS A 198 -12.25 10.22 9.07
C LYS A 198 -11.85 10.10 10.53
N PRO A 199 -12.79 10.04 11.47
CA PRO A 199 -12.41 9.94 12.88
C PRO A 199 -11.81 8.59 13.22
N ILE A 200 -11.07 8.56 14.32
CA ILE A 200 -10.68 7.30 14.96
C ILE A 200 -11.39 7.25 16.31
N PHE A 201 -11.44 6.07 16.89
CA PHE A 201 -12.29 5.82 18.05
C PHE A 201 -11.46 5.39 19.24
N VAL A 202 -11.38 6.24 20.25
CA VAL A 202 -10.54 6.04 21.41
C VAL A 202 -11.43 5.59 22.56
N SER A 203 -11.04 4.51 23.22
CA SER A 203 -11.73 4.09 24.43
C SER A 203 -10.68 3.80 25.49
N ALA A 204 -11.11 3.94 26.75
CA ALA A 204 -10.23 3.62 27.86
C ALA A 204 -9.84 2.15 27.80
N GLY A 205 -8.56 1.88 28.03
CA GLY A 205 -8.12 0.51 28.11
C GLY A 205 -8.14 -0.01 29.53
N HIS A 206 -7.15 0.40 30.31
CA HIS A 206 -7.03 -0.04 31.70
C HIS A 206 -6.10 0.94 32.40
N LYS A 207 -6.48 1.33 33.63
CA LYS A 207 -5.68 2.25 34.46
C LYS A 207 -5.57 3.65 33.85
N CYS A 208 -6.62 4.11 33.16
N CYS A 208 -6.58 4.08 33.08
CA CYS A 208 -6.60 5.40 32.48
CA CYS A 208 -6.59 5.43 32.54
C CYS A 208 -8.02 5.82 32.15
C CYS A 208 -8.03 5.82 32.21
N SER A 209 -8.36 7.08 32.43
CA SER A 209 -9.68 7.57 32.08
C SER A 209 -9.77 7.82 30.57
N LEU A 210 -11.00 7.82 30.06
CA LEU A 210 -11.21 8.10 28.64
C LEU A 210 -10.64 9.45 28.27
N GLU A 211 -10.74 10.43 29.17
CA GLU A 211 -10.29 11.79 28.91
C GLU A 211 -8.76 11.85 28.78
N THR A 212 -8.06 11.24 29.74
CA THR A 212 -6.62 11.17 29.66
C THR A 212 -6.19 10.33 28.45
N ALA A 213 -6.93 9.26 28.15
CA ALA A 213 -6.66 8.47 26.96
C ALA A 213 -6.68 9.35 25.72
N ALA A 214 -7.72 10.16 25.57
CA ALA A 214 -7.81 11.03 24.40
C ALA A 214 -6.67 12.04 24.36
N LYS A 215 -6.29 12.61 25.51
CA LYS A 215 -5.15 13.53 25.51
C LYS A 215 -3.87 12.84 25.04
N ILE A 216 -3.66 11.60 25.47
CA ILE A 216 -2.45 10.87 25.08
C ILE A 216 -2.49 10.55 23.60
N VAL A 217 -3.65 10.16 23.08
CA VAL A 217 -3.75 9.89 21.64
C VAL A 217 -3.48 11.16 20.83
N LYS A 218 -3.98 12.32 21.31
CA LYS A 218 -3.70 13.58 20.65
C LYS A 218 -2.20 13.89 20.66
N GLY A 219 -1.55 13.70 21.81
CA GLY A 219 -0.11 13.91 21.90
C GLY A 219 0.69 12.97 21.01
N CYS A 220 0.14 11.80 20.69
CA CYS A 220 0.81 10.83 19.83
C CYS A 220 0.50 11.03 18.35
N THR A 221 -0.28 12.06 17.99
CA THR A 221 -0.80 12.20 16.64
C THR A 221 0.09 13.13 15.81
N LYS A 222 0.67 12.59 14.74
CA LYS A 222 1.20 13.38 13.63
C LYS A 222 0.29 13.28 12.42
N THR A 223 -0.06 12.07 12.01
CA THR A 223 -1.07 11.80 11.00
C THR A 223 -2.23 11.06 11.68
N ARG A 224 -3.16 10.54 10.88
CA ARG A 224 -4.38 9.97 11.44
C ARG A 224 -4.07 8.83 12.42
N ILE A 225 -3.16 7.94 12.03
CA ILE A 225 -2.79 6.80 12.87
C ILE A 225 -1.70 7.25 13.83
N PRO A 226 -1.96 7.27 15.14
CA PRO A 226 -0.93 7.70 16.09
C PRO A 226 0.37 6.94 15.93
N GLU A 227 1.48 7.63 16.21
CA GLU A 227 2.82 7.11 15.90
C GLU A 227 3.11 5.73 16.46
N PRO A 228 2.83 5.40 17.73
CA PRO A 228 3.20 4.04 18.20
C PRO A 228 2.46 2.95 17.47
N ILE A 229 1.16 3.16 17.19
CA ILE A 229 0.40 2.21 16.39
C ILE A 229 0.99 2.10 15.00
N LYS A 230 1.26 3.25 14.38
CA LYS A 230 1.85 3.27 13.05
C LYS A 230 3.11 2.44 12.98
N MET A 231 3.98 2.59 13.98
CA MET A 231 5.27 1.92 13.94
C MET A 231 5.12 0.42 14.18
N ALA A 232 4.35 0.03 15.20
CA ALA A 232 4.17 -1.41 15.46
C ALA A 232 3.57 -2.12 14.25
N ASN A 233 2.56 -1.51 13.64
CA ASN A 233 1.95 -2.08 12.44
C ASN A 233 2.96 -2.19 11.30
N LYS A 234 3.74 -1.12 11.09
CA LYS A 234 4.68 -1.15 9.98
C LYS A 234 5.73 -2.25 10.15
N TRP A 235 6.42 -2.27 11.30
CA TRP A 235 7.53 -3.22 11.44
C TRP A 235 7.03 -4.66 11.48
N SER A 236 5.87 -4.91 12.12
CA SER A 236 5.34 -6.27 12.10
C SER A 236 5.07 -6.72 10.66
N ARG A 237 4.45 -5.84 9.85
CA ARG A 237 4.12 -6.21 8.48
C ARG A 237 5.38 -6.43 7.64
N LYS A 238 6.35 -5.54 7.76
CA LYS A 238 7.56 -5.63 6.97
C LYS A 238 8.31 -6.93 7.27
N GLU A 239 8.46 -7.24 8.56
CA GLU A 239 9.13 -8.49 8.90
C GLU A 239 8.34 -9.69 8.39
N LEU A 240 7.00 -9.64 8.45
CA LEU A 240 6.23 -10.75 7.92
C LEU A 240 6.49 -10.95 6.43
N LYS A 241 6.48 -9.85 5.67
CA LYS A 241 6.75 -9.94 4.23
C LYS A 241 8.16 -10.45 3.95
N LYS A 242 9.12 -10.19 4.84
CA LYS A 242 10.47 -10.70 4.59
C LYS A 242 10.53 -12.21 4.68
N ILE A 243 9.85 -12.81 5.65
CA ILE A 243 9.94 -14.24 5.90
C ILE A 243 8.82 -15.04 5.26
N GLU A 244 7.87 -14.38 4.59
CA GLU A 244 6.73 -15.07 4.03
C GLU A 244 7.16 -15.98 2.90
N ILE B 4 26.67 9.59 -13.83
CA ILE B 4 26.22 10.18 -15.08
C ILE B 4 27.10 11.36 -15.47
N THR B 5 27.86 11.20 -16.56
CA THR B 5 28.77 12.21 -17.03
C THR B 5 28.34 12.73 -18.40
N ASP B 6 28.99 13.82 -18.81
CA ASP B 6 28.70 14.40 -20.12
C ASP B 6 28.97 13.41 -21.24
N GLU B 7 30.07 12.66 -21.15
CA GLU B 7 30.40 11.72 -22.22
C GLU B 7 29.39 10.60 -22.30
N GLN B 8 28.91 10.10 -21.15
CA GLN B 8 27.89 9.07 -21.16
C GLN B 8 26.59 9.58 -21.78
N ILE B 9 26.23 10.83 -21.48
CA ILE B 9 25.05 11.43 -22.09
C ILE B 9 25.22 11.53 -23.60
N ALA B 10 26.41 11.93 -24.04
CA ALA B 10 26.67 12.01 -25.48
C ALA B 10 26.51 10.65 -26.15
N GLU B 11 27.10 9.61 -25.54
CA GLU B 11 26.98 8.27 -26.11
C GLU B 11 25.52 7.83 -26.17
N TRP B 12 24.74 8.10 -25.11
CA TRP B 12 23.34 7.73 -25.10
C TRP B 12 22.56 8.48 -26.18
N ASN B 13 22.78 9.79 -26.28
CA ASN B 13 22.13 10.56 -27.34
C ASN B 13 22.45 9.99 -28.71
N SER B 14 23.72 9.62 -28.93
CA SER B 14 24.10 9.07 -30.22
C SER B 14 23.38 7.75 -30.50
N LYS B 15 23.32 6.87 -29.50
CA LYS B 15 22.63 5.60 -29.70
C LYS B 15 21.15 5.81 -30.01
N GLN B 16 20.51 6.74 -29.30
CA GLN B 16 19.11 7.04 -29.56
C GLN B 16 18.91 7.62 -30.96
N GLU B 17 19.83 8.47 -31.40
CA GLU B 17 19.75 9.03 -32.74
C GLU B 17 19.87 7.94 -33.80
N GLU B 18 20.72 6.93 -33.55
CA GLU B 18 20.87 5.86 -34.51
C GLU B 18 19.69 4.90 -34.49
N LEU B 19 19.05 4.73 -33.33
CA LEU B 19 17.94 3.79 -33.23
C LEU B 19 16.62 4.37 -33.73
N ARG B 20 16.44 5.70 -33.64
CA ARG B 20 15.11 6.27 -33.84
C ARG B 20 14.53 5.95 -35.21
N ASP B 21 15.37 5.79 -36.23
CA ASP B 21 14.88 5.56 -37.58
C ASP B 21 14.54 4.10 -37.85
N LYS B 22 14.88 3.18 -36.95
CA LYS B 22 14.54 1.77 -37.08
C LYS B 22 13.18 1.43 -36.50
N ILE B 23 12.56 2.35 -35.76
CA ILE B 23 11.28 2.11 -35.12
C ILE B 23 10.17 2.05 -36.16
N ILE B 24 9.31 1.03 -36.03
CA ILE B 24 8.20 0.80 -36.94
C ILE B 24 6.91 1.17 -36.22
N ARG B 25 6.18 2.15 -36.75
CA ARG B 25 4.94 2.58 -36.13
C ARG B 25 3.75 2.24 -37.03
N SER B 26 3.79 1.05 -37.64
CA SER B 26 2.69 0.54 -38.43
CA SER B 26 2.71 0.54 -38.45
C SER B 26 2.50 -0.93 -38.11
N ASP B 27 1.31 -1.45 -38.45
CA ASP B 27 0.98 -2.82 -38.08
C ASP B 27 1.57 -3.86 -39.03
N GLY B 28 1.70 -3.52 -40.32
CA GLY B 28 2.12 -4.56 -41.25
C GLY B 28 1.08 -5.66 -41.32
N ASP B 29 1.53 -6.90 -41.20
CA ASP B 29 0.65 -8.06 -41.20
C ASP B 29 0.08 -8.36 -39.82
N PHE B 30 0.35 -7.50 -38.83
CA PHE B 30 -0.17 -7.66 -37.49
C PHE B 30 -1.51 -6.97 -37.38
N SER B 31 -2.39 -7.54 -36.55
CA SER B 31 -3.69 -6.95 -36.29
C SER B 31 -4.13 -7.35 -34.90
N LEU B 32 -5.16 -6.67 -34.40
CA LEU B 32 -5.67 -6.97 -33.06
C LEU B 32 -6.09 -8.43 -32.94
N SER B 33 -6.60 -9.01 -34.03
CA SER B 33 -7.08 -10.39 -34.02
C SER B 33 -5.96 -11.41 -33.89
N LYS B 34 -4.71 -11.00 -34.04
CA LYS B 34 -3.59 -11.92 -33.88
C LYS B 34 -3.07 -11.98 -32.45
N VAL B 35 -3.51 -11.08 -31.58
CA VAL B 35 -3.02 -11.04 -30.20
C VAL B 35 -3.65 -12.19 -29.44
N LYS B 36 -2.85 -13.19 -29.09
CA LYS B 36 -3.27 -14.27 -28.23
C LYS B 36 -2.68 -14.18 -26.82
N TYR B 37 -1.50 -13.57 -26.71
CA TYR B 37 -0.85 -13.32 -25.43
C TYR B 37 -0.25 -11.92 -25.45
N VAL B 38 -0.31 -11.26 -24.30
CA VAL B 38 0.33 -9.97 -24.08
C VAL B 38 1.34 -10.13 -22.95
N GLY B 39 2.53 -9.58 -23.16
CA GLY B 39 3.57 -9.61 -22.16
C GLY B 39 3.60 -8.37 -21.30
N GLY B 40 4.11 -8.54 -20.07
CA GLY B 40 4.42 -7.44 -19.20
C GLY B 40 5.83 -7.62 -18.67
N PHE B 41 6.43 -6.50 -18.26
CA PHE B 41 7.77 -6.51 -17.72
C PHE B 41 7.96 -5.26 -16.87
N ASP B 42 8.71 -5.39 -15.78
CA ASP B 42 8.98 -4.26 -14.90
CA ASP B 42 9.06 -4.21 -15.00
C ASP B 42 10.21 -4.59 -14.05
N VAL B 43 10.75 -3.55 -13.41
CA VAL B 43 11.87 -3.70 -12.50
C VAL B 43 11.55 -2.94 -11.23
N SER B 44 11.75 -3.59 -10.08
CA SER B 44 11.63 -2.94 -8.78
C SER B 44 13.02 -2.68 -8.24
N TYR B 45 13.22 -1.46 -7.73
CA TYR B 45 14.49 -1.04 -7.16
C TYR B 45 14.34 -0.91 -5.64
N SER B 46 15.44 -1.08 -4.93
CA SER B 46 15.47 -0.78 -3.51
C SER B 46 16.11 0.59 -3.33
N LYS B 47 15.52 1.42 -2.47
CA LYS B 47 16.14 2.69 -2.14
C LYS B 47 17.20 2.54 -1.04
N ILE B 48 17.18 1.46 -0.28
CA ILE B 48 18.25 1.20 0.67
C ILE B 48 19.53 0.83 -0.08
N ASN B 49 19.43 -0.13 -0.99
CA ASN B 49 20.57 -0.65 -1.75
C ASN B 49 20.35 -0.32 -3.22
N HIS B 50 21.26 0.47 -3.80
CA HIS B 50 21.02 1.04 -5.12
C HIS B 50 21.25 0.03 -6.25
N GLU B 51 22.28 -0.81 -6.14
CA GLU B 51 22.47 -1.81 -7.19
C GLU B 51 21.40 -2.90 -7.12
N LEU B 52 20.84 -3.15 -5.94
CA LEU B 52 19.93 -4.28 -5.74
C LEU B 52 18.57 -4.00 -6.39
N ALA B 53 18.16 -4.88 -7.31
CA ALA B 53 16.87 -4.75 -7.98
C ALA B 53 16.31 -6.14 -8.31
N VAL B 54 15.06 -6.17 -8.76
CA VAL B 54 14.39 -7.40 -9.17
C VAL B 54 13.60 -7.12 -10.44
N SER B 55 13.87 -7.85 -11.51
CA SER B 55 13.06 -7.77 -12.70
C SER B 55 11.96 -8.84 -12.66
N CYS B 56 10.90 -8.58 -13.41
CA CYS B 56 9.80 -9.53 -13.55
C CYS B 56 9.23 -9.43 -14.95
N MET B 57 8.98 -10.58 -15.54
CA MET B 57 8.31 -10.66 -16.84
C MET B 57 7.12 -11.59 -16.67
N VAL B 58 5.98 -11.19 -17.22
CA VAL B 58 4.75 -11.96 -17.14
C VAL B 58 4.20 -12.09 -18.55
N VAL B 59 3.39 -13.13 -18.74
CA VAL B 59 2.59 -13.31 -19.95
C VAL B 59 1.18 -13.61 -19.54
N LEU B 60 0.21 -12.86 -20.10
CA LEU B 60 -1.21 -13.06 -19.88
C LEU B 60 -1.90 -13.39 -21.19
N SER B 61 -2.93 -14.24 -21.11
CA SER B 61 -3.74 -14.52 -22.29
C SER B 61 -4.53 -13.28 -22.70
N TYR B 62 -4.88 -13.23 -23.98
CA TYR B 62 -5.67 -12.13 -24.54
C TYR B 62 -6.90 -12.68 -25.26
N PRO B 63 -8.08 -12.10 -25.00
CA PRO B 63 -8.30 -10.94 -24.14
C PRO B 63 -8.66 -11.28 -22.69
N GLU B 64 -8.55 -12.57 -22.29
CA GLU B 64 -9.01 -12.98 -20.98
C GLU B 64 -8.17 -12.42 -19.84
N MET B 65 -6.94 -12.00 -20.11
CA MET B 65 -6.08 -11.39 -19.10
C MET B 65 -5.75 -12.37 -17.96
N LYS B 66 -5.60 -13.64 -18.30
CA LYS B 66 -5.24 -14.64 -17.31
C LYS B 66 -3.75 -14.92 -17.38
N GLN B 67 -3.08 -14.83 -16.23
CA GLN B 67 -1.64 -14.99 -16.18
C GLN B 67 -1.26 -16.42 -16.49
N VAL B 68 -0.43 -16.59 -17.52
CA VAL B 68 0.06 -17.90 -17.92
C VAL B 68 1.56 -18.02 -17.76
N TYR B 69 2.28 -16.93 -17.51
CA TYR B 69 3.72 -17.02 -17.26
C TYR B 69 4.14 -15.92 -16.30
N MET B 70 5.08 -16.26 -15.41
CA MET B 70 5.68 -15.28 -14.51
C MET B 70 7.10 -15.70 -14.19
N ASN B 71 8.01 -14.73 -14.13
CA ASN B 71 9.38 -14.98 -13.69
C ASN B 71 9.96 -13.72 -13.08
N THR B 72 10.74 -13.89 -12.00
CA THR B 72 11.48 -12.80 -11.39
C THR B 72 12.96 -13.15 -11.34
N THR B 73 13.80 -12.12 -11.41
CA THR B 73 15.24 -12.30 -11.43
C THR B 73 15.89 -11.21 -10.60
N LYS B 74 16.75 -11.61 -9.67
CA LYS B 74 17.59 -10.67 -8.96
C LYS B 74 18.55 -10.02 -9.95
N VAL B 75 18.62 -8.69 -9.93
CA VAL B 75 19.35 -7.92 -10.92
C VAL B 75 20.24 -6.89 -10.23
N LYS B 76 21.38 -6.61 -10.85
CA LYS B 76 22.28 -5.54 -10.46
C LYS B 76 22.16 -4.42 -11.48
N LEU B 77 21.79 -3.23 -11.02
CA LEU B 77 21.54 -2.11 -11.92
C LEU B 77 22.84 -1.52 -12.45
N SER B 78 22.81 -1.16 -13.74
CA SER B 78 24.00 -0.65 -14.42
C SER B 78 24.11 0.86 -14.40
N CYS B 79 22.99 1.59 -14.30
CA CYS B 79 23.03 3.04 -14.32
C CYS B 79 21.80 3.59 -13.59
N PRO B 80 21.88 4.81 -13.08
CA PRO B 80 20.73 5.39 -12.39
C PRO B 80 19.62 5.77 -13.36
N TYR B 81 18.45 6.08 -12.80
CA TYR B 81 17.35 6.61 -13.59
C TYR B 81 17.63 8.06 -13.96
N LYS B 82 17.52 8.37 -15.26
CA LYS B 82 17.55 9.75 -15.73
C LYS B 82 16.55 9.86 -16.86
N SER B 83 15.60 10.78 -16.72
CA SER B 83 14.52 10.92 -17.70
C SER B 83 15.08 11.17 -19.09
N SER B 84 14.44 10.56 -20.09
CA SER B 84 14.79 10.46 -21.50
C SER B 84 15.87 9.40 -21.73
N TYR B 85 16.34 8.72 -20.69
CA TYR B 85 17.39 7.71 -20.83
C TYR B 85 17.03 6.44 -20.07
N LEU B 86 15.73 6.19 -19.89
CA LEU B 86 15.27 5.03 -19.13
C LEU B 86 15.74 3.71 -19.75
N ALA B 87 15.85 3.65 -21.09
CA ALA B 87 16.14 2.40 -21.77
C ALA B 87 17.45 1.79 -21.30
N PHE B 88 18.48 2.62 -21.17
CA PHE B 88 19.80 2.10 -20.78
C PHE B 88 19.80 1.54 -19.37
N ARG B 89 18.77 1.86 -18.57
CA ARG B 89 18.64 1.28 -17.25
C ARG B 89 18.05 -0.12 -17.29
N GLU B 90 17.17 -0.41 -18.24
CA GLU B 90 16.45 -1.67 -18.19
C GLU B 90 16.59 -2.52 -19.45
N ILE B 91 17.46 -2.13 -20.39
CA ILE B 91 17.60 -2.92 -21.61
C ILE B 91 18.12 -4.31 -21.28
N GLU B 92 19.15 -4.40 -20.42
CA GLU B 92 19.73 -5.70 -20.13
C GLU B 92 18.79 -6.61 -19.34
N PRO B 93 18.14 -6.17 -18.25
CA PRO B 93 17.18 -7.07 -17.59
C PRO B 93 16.08 -7.57 -18.50
N PHE B 94 15.51 -6.68 -19.31
CA PHE B 94 14.46 -7.07 -20.23
C PHE B 94 14.94 -8.19 -21.15
N GLN B 95 16.06 -7.96 -21.84
CA GLN B 95 16.58 -8.99 -22.74
C GLN B 95 16.73 -10.30 -22.00
N GLN B 96 17.23 -10.24 -20.75
CA GLN B 96 17.43 -11.47 -19.99
C GLN B 96 16.10 -12.18 -19.80
N GLU B 97 15.11 -11.47 -19.26
CA GLU B 97 13.81 -12.10 -19.05
C GLU B 97 13.27 -12.64 -20.37
N LEU B 98 13.42 -11.86 -21.45
CA LEU B 98 12.86 -12.28 -22.72
C LEU B 98 13.48 -13.59 -23.16
N GLN B 99 14.81 -13.67 -23.09
CA GLN B 99 15.46 -14.90 -23.51
C GLN B 99 14.99 -16.06 -22.65
N LEU B 100 14.88 -15.83 -21.35
CA LEU B 100 14.43 -16.89 -20.45
C LEU B 100 13.04 -17.36 -20.85
N LEU B 101 12.13 -16.42 -21.10
CA LEU B 101 10.78 -16.82 -21.52
C LEU B 101 10.85 -17.64 -22.78
N LYS B 102 11.62 -17.17 -23.77
CA LYS B 102 11.69 -17.90 -25.03
C LYS B 102 12.24 -19.29 -24.83
N ALA B 103 13.15 -19.44 -23.87
CA ALA B 103 13.72 -20.76 -23.65
C ALA B 103 12.76 -21.66 -22.88
N LYS B 104 11.96 -21.11 -21.98
CA LYS B 104 11.18 -21.98 -21.11
C LYS B 104 9.83 -22.31 -21.71
N LYS B 105 9.14 -21.30 -22.22
CA LYS B 105 7.79 -21.44 -22.79
C LYS B 105 7.72 -20.73 -24.12
N PRO B 106 8.39 -21.27 -25.14
CA PRO B 106 8.37 -20.60 -26.45
C PRO B 106 6.99 -20.46 -27.05
N ASN B 107 6.08 -21.39 -26.74
CA ASN B 107 4.73 -21.29 -27.26
C ASN B 107 3.89 -20.24 -26.55
N LEU B 108 4.42 -19.65 -25.47
CA LEU B 108 3.73 -18.57 -24.77
C LEU B 108 4.30 -17.20 -25.09
N GLU B 109 5.23 -17.10 -26.03
CA GLU B 109 5.77 -15.80 -26.38
C GLU B 109 4.66 -14.89 -26.89
N PRO B 110 4.50 -13.71 -26.31
CA PRO B 110 3.37 -12.85 -26.70
C PRO B 110 3.61 -12.12 -28.01
N GLN B 111 2.52 -11.72 -28.65
CA GLN B 111 2.62 -10.93 -29.85
C GLN B 111 2.97 -9.47 -29.56
N VAL B 112 2.84 -9.02 -28.31
CA VAL B 112 3.14 -7.64 -27.96
C VAL B 112 3.41 -7.56 -26.46
N PHE B 113 4.37 -6.70 -26.09
CA PHE B 113 4.65 -6.38 -24.71
C PHE B 113 4.15 -4.98 -24.39
N LEU B 114 3.54 -4.80 -23.21
CA LEU B 114 3.32 -3.48 -22.65
C LEU B 114 4.49 -3.13 -21.75
N LEU B 115 5.13 -2.00 -22.00
CA LEU B 115 6.29 -1.59 -21.25
C LEU B 115 6.01 -0.27 -20.53
N ASP B 116 6.53 -0.16 -19.30
CA ASP B 116 6.29 1.02 -18.49
C ASP B 116 7.06 2.20 -19.05
N GLY B 117 6.35 3.28 -19.32
CA GLY B 117 6.94 4.46 -19.90
C GLY B 117 6.53 4.68 -21.34
N ASN B 118 7.30 5.52 -22.02
CA ASN B 118 6.94 6.00 -23.35
C ASN B 118 7.69 5.25 -24.44
N GLY B 119 7.11 5.29 -25.64
CA GLY B 119 7.81 4.83 -26.83
C GLY B 119 8.18 5.98 -27.73
N PHE B 120 7.36 6.23 -28.76
CA PHE B 120 7.62 7.35 -29.67
C PHE B 120 7.56 8.69 -28.95
N PHE B 121 6.81 8.76 -27.85
CA PHE B 121 6.59 9.98 -27.07
C PHE B 121 7.86 10.32 -26.29
N HIS B 122 8.82 10.91 -26.98
CA HIS B 122 10.17 11.04 -26.45
C HIS B 122 10.92 12.13 -27.20
N ILE B 123 11.86 12.77 -26.49
CA ILE B 123 12.60 13.91 -27.03
C ILE B 123 13.26 13.56 -28.35
N ARG B 124 13.82 12.36 -28.46
CA ARG B 124 14.42 11.89 -29.69
C ARG B 124 13.61 10.78 -30.33
N ARG B 125 12.31 10.70 -30.00
CA ARG B 125 11.39 9.74 -30.60
C ARG B 125 11.86 8.30 -30.40
N CYS B 126 12.55 8.03 -29.31
CA CYS B 126 13.11 6.71 -29.04
C CYS B 126 13.07 6.42 -27.54
N GLY B 127 11.86 6.45 -26.98
CA GLY B 127 11.68 6.10 -25.58
C GLY B 127 11.99 4.63 -25.33
N ALA B 128 11.96 4.27 -24.05
CA ALA B 128 12.39 2.95 -23.61
C ALA B 128 11.58 1.84 -24.28
N ALA B 129 10.28 2.05 -24.48
CA ALA B 129 9.45 1.01 -25.09
C ALA B 129 9.90 0.74 -26.52
N SER B 130 10.11 1.80 -27.30
CA SER B 130 10.60 1.64 -28.66
C SER B 130 12.00 1.06 -28.67
N HIS B 131 12.88 1.59 -27.81
CA HIS B 131 14.27 1.14 -27.74
C HIS B 131 14.35 -0.37 -27.50
N LEU B 132 13.71 -0.84 -26.42
CA LEU B 132 13.71 -2.26 -26.10
C LEU B 132 13.05 -3.08 -27.20
N GLY B 133 11.99 -2.54 -27.81
CA GLY B 133 11.35 -3.26 -28.91
C GLY B 133 12.28 -3.50 -30.08
N VAL B 134 13.01 -2.47 -30.51
CA VAL B 134 13.85 -2.62 -31.69
C VAL B 134 15.08 -3.45 -31.39
N LEU B 135 15.73 -3.23 -30.23
CA LEU B 135 16.94 -4.00 -29.93
C LEU B 135 16.66 -5.48 -29.68
N SER B 136 15.40 -5.87 -29.57
CA SER B 136 15.03 -7.27 -29.39
CA SER B 136 15.02 -7.27 -29.39
C SER B 136 14.09 -7.77 -30.48
N ASN B 137 13.77 -6.93 -31.46
CA ASN B 137 12.89 -7.30 -32.56
C ASN B 137 11.55 -7.83 -32.05
N THR B 138 10.98 -7.18 -31.04
CA THR B 138 9.67 -7.54 -30.52
CA THR B 138 9.67 -7.54 -30.52
C THR B 138 8.73 -6.36 -30.63
N ARG B 139 7.44 -6.67 -30.71
CA ARG B 139 6.39 -5.66 -30.79
C ARG B 139 6.12 -5.12 -29.39
N THR B 140 6.16 -3.79 -29.24
CA THR B 140 6.00 -3.18 -27.92
C THR B 140 5.07 -1.97 -27.99
N ILE B 141 4.44 -1.71 -26.84
CA ILE B 141 3.59 -0.54 -26.62
C ILE B 141 4.10 0.19 -25.40
N GLY B 142 4.14 1.53 -25.47
CA GLY B 142 4.53 2.33 -24.33
C GLY B 142 3.31 2.77 -23.54
N VAL B 143 3.33 2.49 -22.24
CA VAL B 143 2.26 2.88 -21.32
C VAL B 143 2.90 3.60 -20.15
N ALA B 144 2.63 4.89 -20.03
CA ALA B 144 3.17 5.72 -18.97
C ALA B 144 2.05 6.15 -18.02
N LYS B 145 2.34 6.10 -16.72
CA LYS B 145 1.36 6.46 -15.70
C LYS B 145 1.39 7.93 -15.36
N SER B 146 2.46 8.64 -15.71
CA SER B 146 2.55 10.08 -15.54
C SER B 146 3.04 10.70 -16.85
N LEU B 147 2.79 12.00 -17.00
CA LEU B 147 3.06 12.69 -18.24
C LEU B 147 4.47 13.29 -18.25
N ILE B 148 5.24 12.97 -19.29
CA ILE B 148 6.53 13.61 -19.49
C ILE B 148 6.34 14.95 -20.19
N GLU B 149 7.06 15.97 -19.74
CA GLU B 149 7.05 17.26 -20.38
C GLU B 149 8.16 17.32 -21.43
N ILE B 150 7.81 17.78 -22.63
CA ILE B 150 8.82 17.97 -23.66
C ILE B 150 8.66 19.39 -24.18
N PRO B 151 9.34 20.38 -23.58
CA PRO B 151 9.19 21.76 -24.06
C PRO B 151 9.54 21.92 -25.51
N GLU B 152 10.55 21.19 -26.00
CA GLU B 152 10.98 21.33 -27.38
C GLU B 152 9.90 20.89 -28.37
N ASP B 153 8.90 20.13 -27.92
CA ASP B 153 7.78 19.74 -28.77
C ASP B 153 6.48 20.43 -28.38
N GLY B 154 6.53 21.38 -27.45
CA GLY B 154 5.34 22.08 -27.01
C GLY B 154 4.42 21.27 -26.13
N VAL B 155 4.94 20.29 -25.39
CA VAL B 155 4.13 19.45 -24.52
C VAL B 155 4.34 19.91 -23.08
N LYS B 156 3.29 20.47 -22.48
CA LYS B 156 3.33 20.99 -21.13
C LYS B 156 2.25 20.32 -20.29
N LYS B 157 2.61 19.94 -19.06
CA LYS B 157 1.73 19.13 -18.23
C LYS B 157 0.42 19.83 -17.93
N THR B 158 0.49 21.08 -17.46
CA THR B 158 -0.73 21.79 -17.09
C THR B 158 -1.69 21.91 -18.27
N GLU B 159 -1.14 22.18 -19.46
CA GLU B 159 -2.00 22.35 -20.63
C GLU B 159 -2.65 21.03 -21.04
N VAL B 160 -1.89 19.94 -21.04
CA VAL B 160 -2.45 18.64 -21.40
C VAL B 160 -3.50 18.20 -20.40
N ILE B 161 -3.18 18.30 -19.11
CA ILE B 161 -4.13 17.88 -18.09
C ILE B 161 -5.40 18.70 -18.19
N SER B 162 -5.26 20.00 -18.39
CA SER B 162 -6.44 20.87 -18.49
C SER B 162 -7.26 20.53 -19.74
N GLN B 163 -6.59 20.26 -20.86
CA GLN B 163 -7.29 19.81 -22.06
C GLN B 163 -8.06 18.53 -21.81
N PHE B 164 -7.43 17.58 -21.10
CA PHE B 164 -8.09 16.30 -20.89
C PHE B 164 -9.29 16.47 -19.96
N LYS B 165 -9.19 17.35 -18.97
CA LYS B 165 -10.35 17.58 -18.12
C LYS B 165 -11.48 18.24 -18.90
N ARG B 166 -11.16 19.22 -19.75
CA ARG B 166 -12.19 19.79 -20.62
C ARG B 166 -12.82 18.73 -21.51
N LEU B 167 -12.02 17.78 -21.99
CA LEU B 167 -12.58 16.69 -22.79
C LEU B 167 -13.52 15.82 -21.96
N ARG B 168 -13.09 15.47 -20.74
CA ARG B 168 -13.91 14.65 -19.86
C ARG B 168 -15.25 15.30 -19.57
N LYS B 169 -15.28 16.62 -19.38
CA LYS B 169 -16.55 17.30 -19.13
C LYS B 169 -17.53 17.13 -20.28
N THR B 170 -17.06 16.74 -21.47
CA THR B 170 -17.92 16.47 -22.62
C THR B 170 -18.17 14.99 -22.85
N GLY B 171 -17.58 14.12 -22.04
CA GLY B 171 -17.79 12.69 -22.17
C GLY B 171 -16.73 11.93 -22.94
N GLY B 172 -15.69 12.61 -23.43
CA GLY B 172 -14.64 11.93 -24.15
C GLY B 172 -13.71 11.15 -23.24
N ASN B 173 -12.91 10.27 -23.85
CA ASN B 173 -11.93 9.51 -23.08
C ASN B 173 -10.57 9.37 -23.76
N GLU B 174 -10.37 10.00 -24.92
CA GLU B 174 -9.09 9.92 -25.62
C GLU B 174 -8.71 11.30 -26.11
N LEU B 175 -7.47 11.69 -25.86
CA LEU B 175 -6.95 13.00 -26.22
C LEU B 175 -5.61 12.81 -26.92
N ASP B 176 -5.50 13.33 -28.14
CA ASP B 176 -4.25 13.25 -28.87
C ASP B 176 -3.23 14.20 -28.25
N ILE B 177 -2.02 13.69 -28.03
CA ILE B 177 -0.88 14.49 -27.62
C ILE B 177 0.03 14.67 -28.83
N ILE B 178 0.31 15.93 -29.18
CA ILE B 178 0.93 16.31 -30.44
C ILE B 178 2.17 17.17 -30.15
N SER B 179 3.14 17.09 -31.06
CA SER B 179 4.24 18.03 -31.09
C SER B 179 3.79 19.25 -31.88
N THR B 180 3.80 20.42 -31.26
CA THR B 180 3.45 21.64 -31.98
C THR B 180 4.57 22.13 -32.89
N GLU B 181 5.80 21.68 -32.68
CA GLU B 181 6.93 22.07 -33.51
C GLU B 181 7.13 21.15 -34.72
N LYS B 182 6.81 19.86 -34.58
CA LYS B 182 6.97 18.92 -35.67
C LYS B 182 5.64 18.55 -36.33
N ASN B 183 4.52 19.01 -35.78
CA ASN B 183 3.19 18.77 -36.36
C ASN B 183 2.91 17.28 -36.57
N GLU B 184 3.07 16.52 -35.49
CA GLU B 184 2.83 15.08 -35.54
C GLU B 184 2.26 14.64 -34.21
N VAL B 185 1.56 13.50 -34.23
CA VAL B 185 0.98 12.92 -33.02
C VAL B 185 2.06 12.17 -32.27
N LEU B 186 2.20 12.47 -30.98
CA LEU B 186 3.16 11.77 -30.13
C LEU B 186 2.54 10.66 -29.29
N ALA B 187 1.33 10.85 -28.77
CA ALA B 187 0.79 9.87 -27.83
C ALA B 187 -0.71 10.09 -27.70
N LYS B 188 -1.33 9.26 -26.88
CA LYS B 188 -2.77 9.31 -26.62
C LYS B 188 -2.99 9.24 -25.11
N ALA B 189 -3.59 10.29 -24.56
CA ALA B 189 -4.06 10.26 -23.18
C ALA B 189 -5.40 9.55 -23.16
N VAL B 190 -5.46 8.43 -22.43
CA VAL B 190 -6.60 7.54 -22.48
C VAL B 190 -7.14 7.27 -21.09
N LEU B 191 -8.42 6.92 -21.07
CA LEU B 191 -9.18 6.59 -19.86
C LEU B 191 -10.10 5.43 -20.23
N TYR B 192 -9.72 4.21 -19.86
CA TYR B 192 -10.49 3.03 -20.22
C TYR B 192 -11.16 2.35 -19.02
N ALA B 193 -10.58 2.46 -17.83
CA ALA B 193 -11.15 1.80 -16.66
C ALA B 193 -12.32 2.60 -16.08
N PRO B 194 -13.30 1.92 -15.50
CA PRO B 194 -14.40 2.64 -14.85
C PRO B 194 -13.95 3.29 -13.55
N LYS B 195 -14.70 4.31 -13.13
CA LYS B 195 -14.45 5.03 -11.88
C LYS B 195 -13.04 5.63 -11.84
N VAL B 196 -12.50 5.96 -12.99
CA VAL B 196 -11.18 6.56 -13.11
C VAL B 196 -11.30 7.88 -13.84
N GLU B 197 -10.61 8.92 -13.35
CA GLU B 197 -10.48 10.17 -14.07
C GLU B 197 -9.05 10.51 -14.47
N LYS B 198 -8.06 9.84 -13.89
CA LYS B 198 -6.67 10.14 -14.19
C LYS B 198 -6.24 9.37 -15.43
N PRO B 199 -5.84 10.05 -16.50
CA PRO B 199 -5.46 9.35 -17.72
C PRO B 199 -4.13 8.62 -17.57
N ILE B 200 -3.93 7.64 -18.45
CA ILE B 200 -2.61 7.08 -18.71
C ILE B 200 -2.26 7.45 -20.15
N PHE B 201 -0.98 7.33 -20.49
CA PHE B 201 -0.45 7.87 -21.74
C PHE B 201 0.15 6.75 -22.57
N VAL B 202 -0.47 6.47 -23.72
CA VAL B 202 -0.10 5.38 -24.60
C VAL B 202 0.67 5.94 -25.79
N SER B 203 1.82 5.35 -26.11
CA SER B 203 2.55 5.71 -27.31
C SER B 203 2.97 4.42 -28.02
N ALA B 204 3.12 4.50 -29.33
CA ALA B 204 3.58 3.34 -30.09
C ALA B 204 4.96 2.93 -29.62
N GLY B 205 5.16 1.63 -29.44
CA GLY B 205 6.49 1.16 -29.09
C GLY B 205 7.28 0.81 -30.33
N HIS B 206 6.99 -0.35 -30.90
CA HIS B 206 7.69 -0.82 -32.09
C HIS B 206 6.83 -1.88 -32.77
N LYS B 207 6.75 -1.79 -34.10
CA LYS B 207 6.04 -2.75 -34.94
C LYS B 207 4.54 -2.79 -34.64
N CYS B 208 3.97 -1.67 -34.20
N CYS B 208 4.00 -1.68 -34.16
CA CYS B 208 2.54 -1.56 -33.93
CA CYS B 208 2.57 -1.52 -33.99
C CYS B 208 2.14 -0.09 -33.95
C CYS B 208 2.24 -0.05 -34.15
N SER B 209 1.05 0.23 -34.66
CA SER B 209 0.59 1.61 -34.73
C SER B 209 0.07 2.08 -33.37
N LEU B 210 0.04 3.40 -33.21
CA LEU B 210 -0.52 4.00 -32.00
C LEU B 210 -1.98 3.64 -31.81
N GLU B 211 -2.73 3.57 -32.91
CA GLU B 211 -4.16 3.29 -32.83
C GLU B 211 -4.41 1.84 -32.38
N THR B 212 -3.71 0.89 -32.99
CA THR B 212 -3.78 -0.50 -32.54
C THR B 212 -3.21 -0.65 -31.13
N ALA B 213 -2.17 0.12 -30.80
CA ALA B 213 -1.65 0.12 -29.44
C ALA B 213 -2.75 0.48 -28.45
N ALA B 214 -3.45 1.58 -28.70
CA ALA B 214 -4.52 2.00 -27.78
C ALA B 214 -5.62 0.96 -27.70
N LYS B 215 -5.95 0.33 -28.83
CA LYS B 215 -6.95 -0.74 -28.80
C LYS B 215 -6.52 -1.89 -27.91
N ILE B 216 -5.22 -2.26 -27.96
CA ILE B 216 -4.72 -3.35 -27.14
C ILE B 216 -4.70 -2.95 -25.67
N VAL B 217 -4.31 -1.71 -25.37
CA VAL B 217 -4.30 -1.25 -23.99
C VAL B 217 -5.71 -1.27 -23.42
N LYS B 218 -6.70 -0.87 -24.22
CA LYS B 218 -8.09 -0.96 -23.80
C LYS B 218 -8.46 -2.42 -23.52
N GLY B 219 -8.06 -3.32 -24.42
CA GLY B 219 -8.34 -4.73 -24.20
C GLY B 219 -7.70 -5.30 -22.95
N CYS B 220 -6.59 -4.70 -22.50
CA CYS B 220 -5.89 -5.15 -21.31
C CYS B 220 -6.37 -4.48 -20.04
N THR B 221 -7.39 -3.63 -20.12
CA THR B 221 -7.79 -2.78 -19.01
C THR B 221 -8.95 -3.42 -18.24
N LYS B 222 -8.71 -3.69 -16.96
CA LYS B 222 -9.76 -3.91 -15.97
C LYS B 222 -9.86 -2.72 -15.02
N THR B 223 -8.74 -2.32 -14.43
CA THR B 223 -8.58 -1.10 -13.67
C THR B 223 -7.60 -0.19 -14.40
N ARG B 224 -7.23 0.92 -13.76
CA ARG B 224 -6.44 1.95 -14.43
C ARG B 224 -5.14 1.38 -14.98
N ILE B 225 -4.43 0.59 -14.18
CA ILE B 225 -3.17 0.00 -14.63
C ILE B 225 -3.50 -1.29 -15.38
N PRO B 226 -3.21 -1.36 -16.68
CA PRO B 226 -3.52 -2.58 -17.44
C PRO B 226 -2.90 -3.81 -16.79
N GLU B 227 -3.58 -4.94 -16.96
CA GLU B 227 -3.26 -6.17 -16.23
C GLU B 227 -1.80 -6.60 -16.33
N PRO B 228 -1.17 -6.65 -17.50
CA PRO B 228 0.22 -7.14 -17.54
C PRO B 228 1.20 -6.26 -16.76
N ILE B 229 1.02 -4.93 -16.83
CA ILE B 229 1.84 -4.00 -16.05
C ILE B 229 1.59 -4.21 -14.56
N LYS B 230 0.32 -4.30 -14.18
CA LYS B 230 -0.05 -4.53 -12.78
C LYS B 230 0.63 -5.78 -12.24
N MET B 231 0.58 -6.87 -12.99
CA MET B 231 1.10 -8.14 -12.52
C MET B 231 2.62 -8.12 -12.44
N ALA B 232 3.29 -7.64 -13.50
CA ALA B 232 4.74 -7.57 -13.47
C ALA B 232 5.23 -6.75 -12.28
N ASN B 233 4.60 -5.58 -12.06
CA ASN B 233 4.98 -4.74 -10.92
C ASN B 233 4.70 -5.46 -9.60
N LYS B 234 3.58 -6.17 -9.51
CA LYS B 234 3.20 -6.89 -8.29
C LYS B 234 4.26 -7.91 -7.90
N TRP B 235 4.62 -8.80 -8.84
CA TRP B 235 5.56 -9.85 -8.49
C TRP B 235 6.96 -9.30 -8.27
N SER B 236 7.39 -8.34 -9.10
CA SER B 236 8.71 -7.75 -8.86
C SER B 236 8.77 -7.12 -7.47
N ARG B 237 7.74 -6.38 -7.08
CA ARG B 237 7.76 -5.74 -5.77
C ARG B 237 7.76 -6.78 -4.65
N LYS B 238 6.93 -7.82 -4.75
CA LYS B 238 6.90 -8.81 -3.68
C LYS B 238 8.25 -9.50 -3.52
N GLU B 239 8.84 -9.93 -4.64
CA GLU B 239 10.14 -10.60 -4.57
C GLU B 239 11.22 -9.66 -4.03
N LEU B 240 11.17 -8.38 -4.41
CA LEU B 240 12.12 -7.42 -3.85
C LEU B 240 11.98 -7.30 -2.35
N LYS B 241 10.73 -7.25 -1.85
CA LYS B 241 10.52 -7.17 -0.41
C LYS B 241 11.04 -8.42 0.29
N LYS B 242 11.06 -9.57 -0.41
CA LYS B 242 11.60 -10.78 0.20
C LYS B 242 13.10 -10.66 0.45
N ILE B 243 13.84 -10.05 -0.46
CA ILE B 243 15.28 -9.93 -0.33
C ILE B 243 15.67 -8.56 0.23
N GLU B 244 14.74 -7.89 0.91
CA GLU B 244 14.92 -6.59 1.60
C GLU B 244 14.98 -5.41 0.61
#